data_1URT
#
_entry.id   1URT
#
_cell.length_a   101.090
_cell.length_b   67.520
_cell.length_c   48.860
_cell.angle_alpha   90.00
_cell.angle_beta   107.60
_cell.angle_gamma   90.00
#
_symmetry.space_group_name_H-M   'C 1 2 1'
#
loop_
_entity.id
_entity.type
_entity.pdbx_description
1 polymer 'CARBONIC ANHYDRASE V'
2 non-polymer 'ZINC ION'
3 water water
#
_entity_poly.entity_id   1
_entity_poly.type   'polypeptide(L)'
_entity_poly.pdbx_seq_one_letter_code
;SAEGTRQSPINIQWKDSVYDPQLAPLRVSYDAASCRYLWNTGHAFQVEFDDSCEDSGISGGPLGNHYRLKQFHFHWGATD
EWGSEHAVDGHTYPAELHLVHWNSTKYENYKKASVGENGLAVIGVFLKLGAHHQALQKLVDVLPEVRHKDTQVAMGDFDP
SCLMPACRDYWTYPGSLTTPPLAESVTWIVQKTPVEVSPSQLSMFRTLLFSGRGEEEDVMVNNYRPLQPLRDRKLRSSFR
LDRTKMRS
;
_entity_poly.pdbx_strand_id   A
#
# COMPACT_ATOMS: atom_id res chain seq x y z
N GLY A 4 -10.15 1.26 -18.67
CA GLY A 4 -8.89 1.74 -19.34
C GLY A 4 -7.95 0.57 -19.54
N THR A 5 -6.78 0.84 -20.09
CA THR A 5 -5.80 -0.20 -20.33
C THR A 5 -4.92 -0.55 -19.12
N ARG A 6 -4.35 0.49 -18.49
CA ARG A 6 -3.47 0.31 -17.34
C ARG A 6 -4.19 0.34 -15.99
N GLN A 7 -4.84 -0.75 -15.63
CA GLN A 7 -5.60 -0.79 -14.38
C GLN A 7 -5.10 -1.83 -13.39
N SER A 8 -5.06 -1.45 -12.11
CA SER A 8 -4.62 -2.34 -11.05
C SER A 8 -5.82 -2.72 -10.19
N PRO A 9 -5.73 -3.84 -9.44
CA PRO A 9 -4.58 -4.74 -9.37
C PRO A 9 -4.59 -5.83 -10.45
N ILE A 10 -3.47 -6.56 -10.58
CA ILE A 10 -3.37 -7.63 -11.56
C ILE A 10 -2.97 -8.95 -10.88
N ASN A 11 -2.73 -9.98 -11.68
CA ASN A 11 -2.30 -11.29 -11.19
C ASN A 11 -0.84 -11.48 -11.63
N ILE A 12 0.07 -11.46 -10.66
CA ILE A 12 1.49 -11.62 -10.93
C ILE A 12 1.84 -13.06 -11.29
N GLN A 13 2.04 -13.29 -12.59
CA GLN A 13 2.38 -14.62 -13.08
C GLN A 13 3.79 -14.77 -13.58
N TRP A 14 4.44 -15.84 -13.10
CA TRP A 14 5.83 -16.24 -13.38
C TRP A 14 6.17 -16.05 -14.89
N LYS A 15 5.25 -16.50 -15.72
CA LYS A 15 5.37 -16.47 -17.17
C LYS A 15 5.40 -15.10 -17.86
N ASP A 16 4.86 -14.06 -17.23
CA ASP A 16 4.83 -12.74 -17.88
C ASP A 16 5.94 -11.83 -17.42
N SER A 17 6.75 -12.32 -16.49
CA SER A 17 7.82 -11.52 -15.92
C SER A 17 9.12 -11.50 -16.72
N VAL A 18 9.71 -10.32 -16.79
CA VAL A 18 10.95 -10.14 -17.52
C VAL A 18 11.92 -9.31 -16.69
N TYR A 19 12.98 -9.97 -16.27
CA TYR A 19 14.03 -9.37 -15.47
C TYR A 19 14.55 -8.19 -16.23
N ASP A 20 14.88 -7.11 -15.53
CA ASP A 20 15.47 -5.96 -16.17
C ASP A 20 16.71 -5.69 -15.34
N PRO A 21 17.87 -6.06 -15.87
CA PRO A 21 19.12 -5.84 -15.15
C PRO A 21 19.52 -4.38 -15.08
N GLN A 22 18.73 -3.51 -15.73
CA GLN A 22 19.04 -2.09 -15.73
C GLN A 22 18.52 -1.31 -14.52
N LEU A 23 17.64 -1.95 -13.74
CA LEU A 23 17.03 -1.34 -12.55
C LEU A 23 18.03 -1.02 -11.46
N ALA A 24 18.18 0.26 -11.16
CA ALA A 24 19.07 0.68 -10.08
C ALA A 24 18.45 0.23 -8.73
N PRO A 25 19.29 -0.16 -7.77
CA PRO A 25 18.76 -0.59 -6.47
C PRO A 25 17.79 0.44 -5.87
N LEU A 26 16.77 -0.05 -5.17
CA LEU A 26 15.74 0.78 -4.55
C LEU A 26 16.15 1.30 -3.17
N ARG A 27 16.24 2.63 -3.02
CA ARG A 27 16.62 3.22 -1.74
C ARG A 27 15.47 3.85 -0.92
N VAL A 28 15.02 3.09 0.08
CA VAL A 28 13.93 3.45 1.00
C VAL A 28 14.43 4.10 2.29
N SER A 29 14.06 5.35 2.52
CA SER A 29 14.46 6.06 3.73
C SER A 29 13.36 7.04 4.19
N TYR A 30 12.72 6.76 5.32
CA TYR A 30 11.66 7.63 5.81
C TYR A 30 11.99 8.26 7.16
N ASP A 31 11.46 9.46 7.36
CA ASP A 31 11.64 10.21 8.59
C ASP A 31 10.48 9.88 9.48
N ALA A 32 10.71 9.04 10.48
CA ALA A 32 9.67 8.63 11.41
C ALA A 32 8.99 9.82 12.11
N ALA A 33 9.74 10.90 12.27
CA ALA A 33 9.22 12.11 12.90
C ALA A 33 8.13 12.78 12.08
N SER A 34 7.99 12.42 10.81
CA SER A 34 6.99 13.05 9.96
C SER A 34 5.60 12.46 10.08
N CYS A 35 5.39 11.53 11.00
CA CYS A 35 4.07 10.92 11.17
C CYS A 35 3.09 11.89 11.87
N ARG A 36 1.80 11.83 11.52
CA ARG A 36 0.83 12.74 12.15
C ARG A 36 -0.38 12.06 12.79
N TYR A 37 -1.15 11.32 11.99
CA TYR A 37 -2.35 10.67 12.54
C TYR A 37 -2.79 9.41 11.80
N LEU A 38 -3.55 8.57 12.48
CA LEU A 38 -4.09 7.36 11.88
C LEU A 38 -5.57 7.70 11.76
N TRP A 39 -6.28 7.17 10.79
CA TRP A 39 -7.70 7.49 10.68
C TRP A 39 -8.52 6.48 9.85
N ASN A 40 -9.84 6.52 10.00
CA ASN A 40 -10.73 5.64 9.25
C ASN A 40 -11.31 6.42 8.06
N THR A 41 -10.77 6.17 6.88
CA THR A 41 -11.17 6.85 5.67
C THR A 41 -12.57 6.50 5.15
N GLY A 42 -13.13 5.40 5.63
CA GLY A 42 -14.42 4.97 5.14
C GLY A 42 -14.24 3.77 4.23
N HIS A 43 -13.02 3.59 3.71
CA HIS A 43 -12.68 2.45 2.87
C HIS A 43 -11.58 1.62 3.50
N ALA A 44 -10.81 2.23 4.39
CA ALA A 44 -9.72 1.53 5.08
C ALA A 44 -9.13 2.47 6.13
N PHE A 45 -8.19 2.00 6.93
CA PHE A 45 -7.55 2.89 7.88
C PHE A 45 -6.21 3.36 7.28
N GLN A 46 -5.85 4.61 7.50
CA GLN A 46 -4.63 5.18 6.96
C GLN A 46 -3.77 5.95 7.97
N VAL A 47 -2.46 5.88 7.80
CA VAL A 47 -1.56 6.64 8.66
C VAL A 47 -1.11 7.80 7.76
N GLU A 48 -1.30 9.03 8.19
CA GLU A 48 -0.92 10.19 7.38
C GLU A 48 0.41 10.80 7.78
N PHE A 49 1.17 11.29 6.81
CA PHE A 49 2.47 11.90 7.09
C PHE A 49 2.54 13.35 6.64
N ASP A 50 3.42 14.11 7.27
CA ASP A 50 3.58 15.51 6.94
C ASP A 50 4.61 15.51 5.84
N ASP A 51 4.20 15.81 4.63
CA ASP A 51 5.14 15.82 3.49
C ASP A 51 5.80 17.20 3.22
N SER A 52 6.05 17.98 4.26
CA SER A 52 6.64 19.30 4.11
C SER A 52 8.09 19.35 3.62
N CYS A 53 8.28 19.17 2.32
CA CYS A 53 9.60 19.20 1.69
C CYS A 53 10.70 18.50 2.49
N GLU A 54 10.64 17.18 2.52
CA GLU A 54 11.62 16.40 3.28
C GLU A 54 12.24 15.28 2.44
N ASP A 55 13.35 14.74 2.94
CA ASP A 55 14.05 13.64 2.27
C ASP A 55 13.23 12.35 2.35
N SER A 56 12.25 12.36 3.25
CA SER A 56 11.35 11.22 3.47
C SER A 56 10.70 10.73 2.16
N GLY A 57 10.93 9.47 1.81
CA GLY A 57 10.36 8.93 0.59
C GLY A 57 11.27 7.89 -0.03
N ILE A 58 11.08 7.61 -1.31
CA ILE A 58 11.88 6.60 -2.00
C ILE A 58 12.52 7.09 -3.31
N SER A 59 13.54 6.36 -3.77
CA SER A 59 14.24 6.66 -5.01
C SER A 59 14.88 5.39 -5.50
N GLY A 60 15.45 5.44 -6.69
CA GLY A 60 16.09 4.27 -7.26
C GLY A 60 15.08 3.45 -8.06
N GLY A 61 15.34 2.16 -8.19
CA GLY A 61 14.45 1.28 -8.93
C GLY A 61 13.96 1.89 -10.24
N PRO A 62 12.68 1.67 -10.58
CA PRO A 62 12.10 2.19 -11.82
C PRO A 62 11.76 3.67 -11.74
N LEU A 63 12.11 4.32 -10.63
CA LEU A 63 11.80 5.73 -10.44
C LEU A 63 12.92 6.64 -10.95
N GLY A 64 12.52 7.68 -11.67
CA GLY A 64 13.50 8.60 -12.23
C GLY A 64 14.02 9.61 -11.25
N ASN A 65 13.27 9.84 -10.17
CA ASN A 65 13.64 10.80 -9.16
C ASN A 65 12.99 10.39 -7.85
N HIS A 66 13.30 11.11 -6.78
CA HIS A 66 12.75 10.83 -5.46
C HIS A 66 11.26 11.18 -5.37
N TYR A 67 10.50 10.33 -4.67
CA TYR A 67 9.06 10.50 -4.45
C TYR A 67 8.87 10.54 -2.94
N ARG A 68 8.05 11.46 -2.46
CA ARG A 68 7.81 11.65 -1.03
C ARG A 68 6.73 10.79 -0.38
N LEU A 69 6.97 10.34 0.84
CA LEU A 69 5.95 9.53 1.50
C LEU A 69 4.82 10.44 1.90
N LYS A 70 3.60 10.06 1.52
CA LYS A 70 2.42 10.83 1.87
C LYS A 70 1.57 10.05 2.86
N GLN A 71 1.35 8.76 2.61
CA GLN A 71 0.49 7.94 3.48
C GLN A 71 0.60 6.45 3.15
N PHE A 72 -0.03 5.60 3.98
CA PHE A 72 -0.08 4.15 3.75
C PHE A 72 -1.32 3.53 4.36
N HIS A 73 -1.93 2.59 3.65
CA HIS A 73 -3.17 1.93 4.13
C HIS A 73 -3.11 0.43 3.95
N PHE A 74 -4.19 -0.26 4.31
CA PHE A 74 -4.23 -1.70 4.22
C PHE A 74 -5.54 -2.14 3.56
N HIS A 75 -5.51 -3.34 2.95
CA HIS A 75 -6.68 -3.95 2.30
C HIS A 75 -6.81 -5.38 2.82
N TRP A 76 -8.03 -5.81 3.10
CA TRP A 76 -8.25 -7.15 3.65
C TRP A 76 -9.64 -7.77 3.37
N GLY A 77 -9.76 -9.04 3.71
CA GLY A 77 -11.00 -9.75 3.48
C GLY A 77 -11.71 -10.16 4.75
N ALA A 78 -12.87 -10.76 4.56
CA ALA A 78 -13.71 -11.21 5.64
C ALA A 78 -13.21 -12.52 6.23
N THR A 79 -12.11 -13.01 5.67
CA THR A 79 -11.53 -14.28 6.11
C THR A 79 -10.02 -14.26 5.88
N ASP A 80 -9.30 -15.15 6.54
CA ASP A 80 -7.85 -15.26 6.41
C ASP A 80 -7.49 -15.81 5.02
N GLU A 81 -8.49 -16.39 4.35
CA GLU A 81 -8.32 -17.00 3.04
C GLU A 81 -8.22 -16.08 1.84
N TRP A 82 -8.52 -14.80 1.99
CA TRP A 82 -8.43 -13.86 0.89
C TRP A 82 -8.44 -12.45 1.46
N GLY A 83 -8.11 -11.47 0.64
CA GLY A 83 -8.10 -10.10 1.12
C GLY A 83 -7.16 -9.17 0.38
N SER A 84 -6.10 -9.72 -0.18
CA SER A 84 -5.12 -8.91 -0.91
C SER A 84 -5.72 -8.41 -2.22
N GLU A 85 -5.13 -7.35 -2.76
CA GLU A 85 -5.59 -6.82 -4.02
C GLU A 85 -4.88 -7.57 -5.16
N HIS A 86 -3.56 -7.62 -5.10
CA HIS A 86 -2.75 -8.34 -6.07
C HIS A 86 -2.74 -9.82 -5.73
N ALA A 87 -2.32 -10.62 -6.71
CA ALA A 87 -2.23 -12.06 -6.51
C ALA A 87 -1.02 -12.56 -7.30
N VAL A 88 -0.18 -13.36 -6.67
CA VAL A 88 0.99 -13.88 -7.38
C VAL A 88 0.64 -15.28 -7.91
N ASP A 89 0.41 -15.33 -9.22
CA ASP A 89 0.05 -16.52 -9.97
C ASP A 89 -1.23 -17.15 -9.44
N GLY A 90 -2.28 -16.33 -9.36
CA GLY A 90 -3.57 -16.83 -8.89
C GLY A 90 -3.74 -16.90 -7.38
N HIS A 91 -2.63 -16.79 -6.65
CA HIS A 91 -2.66 -16.84 -5.19
C HIS A 91 -2.91 -15.49 -4.52
N THR A 92 -3.82 -15.43 -3.56
CA THR A 92 -4.11 -14.18 -2.83
C THR A 92 -3.77 -14.34 -1.36
N TYR A 93 -3.39 -13.24 -0.73
CA TYR A 93 -3.01 -13.22 0.68
C TYR A 93 -4.06 -12.59 1.57
N PRO A 94 -4.00 -12.86 2.88
CA PRO A 94 -5.03 -12.25 3.75
C PRO A 94 -5.12 -10.72 3.77
N ALA A 95 -4.05 -10.02 3.34
CA ALA A 95 -4.05 -8.55 3.32
C ALA A 95 -2.88 -7.97 2.53
N GLU A 96 -2.97 -6.68 2.22
CA GLU A 96 -1.92 -6.01 1.48
C GLU A 96 -1.74 -4.58 1.97
N LEU A 97 -0.49 -4.15 2.08
CA LEU A 97 -0.13 -2.81 2.56
C LEU A 97 0.21 -1.94 1.37
N HIS A 98 -0.30 -0.72 1.34
CA HIS A 98 0.04 0.19 0.24
C HIS A 98 0.75 1.44 0.75
N LEU A 99 2.02 1.56 0.41
CA LEU A 99 2.83 2.72 0.79
C LEU A 99 2.81 3.71 -0.38
N VAL A 100 1.94 4.72 -0.29
CA VAL A 100 1.79 5.73 -1.33
C VAL A 100 2.76 6.88 -1.23
N HIS A 101 3.50 7.12 -2.32
CA HIS A 101 4.50 8.20 -2.43
C HIS A 101 4.12 9.03 -3.65
N TRP A 102 4.40 10.33 -3.61
CA TRP A 102 4.08 11.18 -4.76
C TRP A 102 5.31 11.88 -5.34
N ASN A 103 5.34 11.96 -6.67
CA ASN A 103 6.43 12.57 -7.41
C ASN A 103 6.50 14.06 -7.15
N SER A 104 7.21 14.46 -6.10
CA SER A 104 7.35 15.88 -5.76
C SER A 104 8.14 16.68 -6.80
N THR A 105 8.85 15.98 -7.69
CA THR A 105 9.67 16.58 -8.75
C THR A 105 8.89 17.07 -9.97
N LYS A 106 7.85 16.32 -10.36
CA LYS A 106 7.05 16.71 -11.53
C LYS A 106 5.79 17.47 -11.13
N TYR A 107 5.27 17.19 -9.94
CA TYR A 107 4.06 17.84 -9.49
C TYR A 107 4.17 18.76 -8.28
N GLU A 108 3.29 19.77 -8.25
CA GLU A 108 3.26 20.79 -7.19
C GLU A 108 2.75 20.30 -5.87
N ASN A 109 1.79 19.37 -5.89
CA ASN A 109 1.24 18.82 -4.67
C ASN A 109 0.67 17.43 -4.91
N TYR A 110 0.42 16.73 -3.82
CA TYR A 110 -0.12 15.37 -3.83
C TYR A 110 -1.46 15.25 -4.55
N LYS A 111 -2.30 16.25 -4.39
CA LYS A 111 -3.62 16.22 -5.01
C LYS A 111 -3.46 16.24 -6.50
N LYS A 112 -2.44 16.92 -6.99
CA LYS A 112 -2.19 17.00 -8.42
C LYS A 112 -1.44 15.77 -8.96
N ALA A 113 -0.46 15.29 -8.21
CA ALA A 113 0.31 14.12 -8.60
C ALA A 113 -0.56 12.89 -8.69
N SER A 114 -1.42 12.66 -7.69
CA SER A 114 -2.29 11.49 -7.65
C SER A 114 -3.11 11.23 -8.90
N VAL A 115 -3.33 12.26 -9.71
CA VAL A 115 -4.09 12.12 -10.94
C VAL A 115 -3.25 12.47 -12.15
N GLY A 116 -1.98 12.82 -11.91
CA GLY A 116 -1.06 13.17 -12.97
C GLY A 116 -0.44 11.95 -13.62
N GLU A 117 0.23 12.16 -14.75
CA GLU A 117 0.85 11.09 -15.52
C GLU A 117 1.88 10.21 -14.81
N ASN A 118 2.75 10.80 -14.00
CA ASN A 118 3.74 10.02 -13.28
C ASN A 118 3.76 10.48 -11.83
N GLY A 119 2.58 10.77 -11.30
CA GLY A 119 2.50 11.27 -9.95
C GLY A 119 2.69 10.36 -8.76
N LEU A 120 2.55 9.06 -8.91
CA LEU A 120 2.68 8.20 -7.74
C LEU A 120 3.59 7.02 -7.92
N ALA A 121 3.96 6.44 -6.79
CA ALA A 121 4.80 5.25 -6.73
C ALA A 121 4.29 4.54 -5.47
N VAL A 122 3.75 3.35 -5.65
CA VAL A 122 3.23 2.62 -4.51
C VAL A 122 3.97 1.31 -4.33
N ILE A 123 4.34 1.02 -3.10
CA ILE A 123 4.98 -0.26 -2.81
C ILE A 123 3.89 -1.13 -2.23
N GLY A 124 3.66 -2.30 -2.81
CA GLY A 124 2.66 -3.19 -2.26
C GLY A 124 3.41 -4.24 -1.49
N VAL A 125 2.96 -4.55 -0.28
CA VAL A 125 3.59 -5.56 0.57
C VAL A 125 2.47 -6.52 0.99
N PHE A 126 2.58 -7.79 0.64
CA PHE A 126 1.55 -8.77 1.02
C PHE A 126 1.74 -9.10 2.49
N LEU A 127 0.65 -9.40 3.21
CA LEU A 127 0.74 -9.79 4.62
C LEU A 127 0.29 -11.25 4.73
N LYS A 128 0.99 -12.02 5.56
CA LYS A 128 0.62 -13.42 5.70
C LYS A 128 0.61 -13.83 7.15
N LEU A 129 -0.30 -14.73 7.49
CA LEU A 129 -0.42 -15.22 8.85
C LEU A 129 0.90 -15.86 9.23
N GLY A 130 1.30 -15.65 10.47
CA GLY A 130 2.54 -16.20 10.94
C GLY A 130 2.86 -15.65 12.32
N ALA A 131 4.11 -15.24 12.48
CA ALA A 131 4.58 -14.69 13.74
C ALA A 131 4.05 -13.30 14.01
N HIS A 132 3.75 -13.05 15.28
CA HIS A 132 3.25 -11.74 15.72
C HIS A 132 4.21 -10.67 15.18
N HIS A 133 3.68 -9.50 14.85
CA HIS A 133 4.52 -8.42 14.33
C HIS A 133 4.56 -7.17 15.24
N GLN A 134 5.66 -7.02 15.98
CA GLN A 134 5.86 -5.91 16.91
C GLN A 134 5.56 -4.50 16.40
N ALA A 135 6.18 -4.08 15.30
CA ALA A 135 5.93 -2.73 14.76
C ALA A 135 4.46 -2.45 14.46
N LEU A 136 3.79 -3.47 13.95
CA LEU A 136 2.38 -3.37 13.59
C LEU A 136 1.50 -3.26 14.82
N GLN A 137 2.00 -3.70 15.97
CA GLN A 137 1.19 -3.65 17.18
C GLN A 137 0.84 -2.22 17.59
N LYS A 138 1.74 -1.28 17.32
CA LYS A 138 1.52 0.13 17.65
C LYS A 138 0.24 0.60 16.97
N LEU A 139 0.08 0.22 15.71
CA LEU A 139 -1.10 0.59 14.94
C LEU A 139 -2.34 -0.13 15.47
N VAL A 140 -2.21 -1.45 15.64
CA VAL A 140 -3.30 -2.29 16.13
C VAL A 140 -3.84 -1.72 17.43
N ASP A 141 -2.94 -1.25 18.29
CA ASP A 141 -3.34 -0.70 19.58
C ASP A 141 -4.23 0.54 19.54
N VAL A 142 -4.34 1.22 18.39
CA VAL A 142 -5.20 2.41 18.34
C VAL A 142 -6.45 2.25 17.53
N LEU A 143 -6.61 1.12 16.86
CA LEU A 143 -7.80 0.91 16.03
C LEU A 143 -9.14 1.03 16.81
N PRO A 144 -9.19 0.63 18.10
CA PRO A 144 -10.45 0.77 18.81
C PRO A 144 -10.94 2.21 18.85
N GLU A 145 -10.03 3.14 18.63
CA GLU A 145 -10.36 4.56 18.62
C GLU A 145 -10.89 5.03 17.28
N VAL A 146 -10.79 4.23 16.23
CA VAL A 146 -11.25 4.67 14.91
C VAL A 146 -12.24 3.76 14.18
N ARG A 147 -13.18 3.18 14.93
CA ARG A 147 -14.20 2.31 14.39
C ARG A 147 -15.09 2.95 13.34
N HIS A 148 -15.63 4.13 13.61
CA HIS A 148 -16.52 4.81 12.67
C HIS A 148 -15.73 5.64 11.66
N LYS A 149 -16.23 5.70 10.42
CA LYS A 149 -15.55 6.45 9.37
C LYS A 149 -15.33 7.89 9.78
N ASP A 150 -14.28 8.50 9.25
CA ASP A 150 -13.93 9.89 9.56
C ASP A 150 -13.30 10.22 10.90
N THR A 151 -13.27 9.22 11.78
CA THR A 151 -12.67 9.32 13.10
C THR A 151 -11.13 9.16 12.99
N GLN A 152 -10.40 9.88 13.83
CA GLN A 152 -8.94 9.79 13.79
C GLN A 152 -8.32 9.91 15.17
N VAL A 153 -7.01 9.71 15.23
CA VAL A 153 -6.23 9.81 16.45
C VAL A 153 -4.83 10.29 16.08
N ALA A 154 -4.19 10.99 17.01
CA ALA A 154 -2.85 11.47 16.78
C ALA A 154 -1.86 10.32 16.88
N MET A 155 -0.77 10.50 16.16
CA MET A 155 0.31 9.53 16.09
C MET A 155 1.58 10.17 16.63
N GLY A 156 2.73 9.71 16.17
CA GLY A 156 3.97 10.28 16.63
C GLY A 156 5.09 9.31 16.32
N ASP A 157 6.06 9.78 15.54
CA ASP A 157 7.21 8.98 15.14
C ASP A 157 6.95 7.49 14.85
N PHE A 158 6.80 7.17 13.56
CA PHE A 158 6.60 5.80 13.10
C PHE A 158 7.32 5.65 11.76
N ASP A 159 8.18 4.63 11.66
CA ASP A 159 8.95 4.36 10.46
C ASP A 159 8.28 3.24 9.68
N PRO A 160 7.69 3.55 8.52
CA PRO A 160 7.00 2.55 7.69
C PRO A 160 7.89 1.37 7.30
N SER A 161 9.18 1.65 7.10
CA SER A 161 10.12 0.60 6.75
C SER A 161 10.01 -0.63 7.65
N CYS A 162 9.54 -0.43 8.88
CA CYS A 162 9.39 -1.53 9.82
C CYS A 162 8.33 -2.55 9.38
N LEU A 163 7.56 -2.19 8.36
CA LEU A 163 6.52 -3.02 7.81
C LEU A 163 6.95 -3.73 6.51
N MET A 164 8.20 -3.52 6.11
CA MET A 164 8.76 -4.09 4.89
C MET A 164 9.61 -5.33 5.19
N PRO A 165 9.66 -6.27 4.24
CA PRO A 165 10.45 -7.50 4.40
C PRO A 165 11.93 -7.14 4.32
N ALA A 166 12.80 -8.03 4.81
CA ALA A 166 14.24 -7.74 4.72
C ALA A 166 14.61 -7.82 3.25
N CYS A 167 14.22 -8.89 2.56
CA CYS A 167 14.50 -9.01 1.14
C CYS A 167 13.61 -8.01 0.39
N ARG A 168 14.23 -7.18 -0.45
CA ARG A 168 13.51 -6.16 -1.21
C ARG A 168 13.34 -6.49 -2.69
N ASP A 169 13.21 -7.77 -3.04
CA ASP A 169 13.03 -8.15 -4.45
C ASP A 169 11.64 -7.77 -4.83
N TYR A 170 11.48 -7.18 -6.00
CA TYR A 170 10.16 -6.75 -6.42
C TYR A 170 9.78 -6.99 -7.90
N TRP A 171 8.50 -6.74 -8.21
CA TRP A 171 7.92 -6.82 -9.54
C TRP A 171 7.47 -5.38 -9.82
N THR A 172 7.59 -4.92 -11.05
CA THR A 172 7.16 -3.56 -11.30
C THR A 172 6.38 -3.43 -12.60
N TYR A 173 5.39 -2.55 -12.60
CA TYR A 173 4.56 -2.35 -13.79
C TYR A 173 3.73 -1.06 -13.65
N PRO A 174 3.19 -0.54 -14.77
CA PRO A 174 2.36 0.67 -14.78
C PRO A 174 0.94 0.27 -14.42
N GLY A 175 0.36 0.99 -13.46
CA GLY A 175 -0.99 0.71 -13.02
C GLY A 175 -1.84 1.94 -12.73
N SER A 176 -2.83 1.75 -11.88
CA SER A 176 -3.73 2.84 -11.51
C SER A 176 -4.08 2.71 -10.04
N LEU A 177 -4.86 3.67 -9.56
CA LEU A 177 -5.31 3.64 -8.19
C LEU A 177 -6.36 2.53 -8.23
N THR A 178 -6.57 1.89 -7.09
CA THR A 178 -7.58 0.85 -7.05
C THR A 178 -8.78 1.37 -6.23
N THR A 179 -9.00 2.68 -6.34
CA THR A 179 -10.11 3.40 -5.70
C THR A 179 -10.27 4.63 -6.57
N PRO A 180 -11.49 5.18 -6.66
CA PRO A 180 -11.73 6.37 -7.49
C PRO A 180 -10.75 7.49 -7.16
N PRO A 181 -10.42 8.32 -8.16
CA PRO A 181 -10.89 8.26 -9.56
C PRO A 181 -10.41 7.09 -10.41
N LEU A 182 -9.56 6.24 -9.85
CA LEU A 182 -9.00 5.11 -10.61
C LEU A 182 -8.04 5.61 -11.69
N ALA A 183 -7.41 6.73 -11.41
CA ALA A 183 -6.47 7.31 -12.34
C ALA A 183 -5.29 6.34 -12.59
N GLU A 184 -4.77 6.37 -13.81
CA GLU A 184 -3.64 5.53 -14.19
C GLU A 184 -2.38 6.35 -14.02
N SER A 185 -2.04 6.65 -12.75
CA SER A 185 -0.87 7.47 -12.40
C SER A 185 0.16 6.77 -11.51
N VAL A 186 0.00 5.47 -11.31
CA VAL A 186 0.85 4.70 -10.41
C VAL A 186 1.92 3.73 -10.95
N THR A 187 3.17 3.95 -10.56
CA THR A 187 4.25 3.02 -10.94
C THR A 187 4.18 2.07 -9.76
N TRP A 188 3.81 0.82 -10.01
CA TRP A 188 3.71 -0.13 -8.93
C TRP A 188 4.99 -0.88 -8.61
N ILE A 189 5.33 -0.91 -7.33
CA ILE A 189 6.51 -1.64 -6.86
C ILE A 189 5.97 -2.71 -5.89
N VAL A 190 5.69 -3.91 -6.39
CA VAL A 190 5.16 -4.97 -5.53
C VAL A 190 6.29 -5.83 -5.01
N GLN A 191 6.30 -6.03 -3.69
CA GLN A 191 7.35 -6.82 -3.06
C GLN A 191 7.02 -8.30 -3.08
N LYS A 192 7.99 -9.11 -3.53
CA LYS A 192 7.82 -10.57 -3.64
C LYS A 192 7.71 -11.28 -2.30
N THR A 193 8.43 -10.79 -1.31
CA THR A 193 8.44 -11.44 -0.01
C THR A 193 7.43 -10.90 0.97
N PRO A 194 6.46 -11.74 1.41
CA PRO A 194 5.43 -11.33 2.36
C PRO A 194 6.00 -11.18 3.76
N VAL A 195 5.28 -10.41 4.58
CA VAL A 195 5.63 -10.13 5.97
C VAL A 195 4.65 -10.89 6.89
N GLU A 196 5.15 -11.49 7.97
CA GLU A 196 4.25 -12.21 8.88
C GLU A 196 3.62 -11.31 9.94
N VAL A 197 2.39 -11.69 10.32
CA VAL A 197 1.57 -11.00 11.32
C VAL A 197 0.75 -12.10 11.99
N SER A 198 0.17 -11.83 13.14
CA SER A 198 -0.63 -12.87 13.78
C SER A 198 -2.13 -12.67 13.53
N PRO A 199 -2.90 -13.79 13.51
CA PRO A 199 -4.35 -13.77 13.28
C PRO A 199 -5.00 -12.65 14.10
N SER A 200 -4.69 -12.60 15.40
CA SER A 200 -5.22 -11.59 16.29
C SER A 200 -4.97 -10.15 15.82
N GLN A 201 -3.83 -9.92 15.16
CA GLN A 201 -3.54 -8.58 14.67
C GLN A 201 -4.49 -8.30 13.53
N LEU A 202 -4.68 -9.31 12.69
CA LEU A 202 -5.54 -9.23 11.51
C LEU A 202 -7.03 -9.14 11.88
N SER A 203 -7.44 -9.84 12.95
CA SER A 203 -8.83 -9.84 13.39
C SER A 203 -9.27 -8.43 13.76
N MET A 204 -8.36 -7.69 14.38
CA MET A 204 -8.61 -6.33 14.81
C MET A 204 -9.03 -5.47 13.62
N PHE A 205 -8.38 -5.68 12.48
CA PHE A 205 -8.68 -4.95 11.26
C PHE A 205 -10.19 -5.03 11.00
N ARG A 206 -10.71 -6.25 11.08
CA ARG A 206 -12.12 -6.53 10.81
C ARG A 206 -13.17 -5.97 11.75
N THR A 207 -12.77 -5.03 12.59
CA THR A 207 -13.70 -4.40 13.52
C THR A 207 -13.93 -2.92 13.14
N LEU A 208 -13.26 -2.46 12.09
CA LEU A 208 -13.45 -1.10 11.65
C LEU A 208 -14.80 -1.12 10.96
N LEU A 209 -15.38 0.05 10.73
CA LEU A 209 -16.68 0.13 10.07
C LEU A 209 -16.71 1.04 8.86
N PHE A 210 -17.56 0.69 7.91
CA PHE A 210 -17.76 1.45 6.70
C PHE A 210 -18.69 2.63 7.04
N SER A 211 -19.55 2.43 8.04
CA SER A 211 -20.52 3.46 8.42
C SER A 211 -20.03 4.46 9.45
N GLY A 212 -20.73 5.60 9.49
CA GLY A 212 -20.40 6.66 10.42
C GLY A 212 -21.05 6.48 11.79
N ARG A 213 -20.80 7.43 12.68
CA ARG A 213 -21.37 7.40 14.02
C ARG A 213 -22.88 7.51 13.88
N GLY A 214 -23.60 6.74 14.70
CA GLY A 214 -25.06 6.76 14.64
C GLY A 214 -25.64 6.40 13.28
N GLU A 215 -25.24 5.24 12.76
CA GLU A 215 -25.69 4.73 11.48
C GLU A 215 -25.79 3.23 11.60
N GLU A 216 -26.30 2.58 10.56
CA GLU A 216 -26.41 1.13 10.57
C GLU A 216 -25.00 0.57 10.64
N GLU A 217 -24.75 -0.31 11.60
CA GLU A 217 -23.43 -0.91 11.76
C GLU A 217 -23.10 -1.70 10.51
N ASP A 218 -22.23 -1.15 9.69
CA ASP A 218 -21.80 -1.76 8.43
C ASP A 218 -20.30 -2.11 8.51
N VAL A 219 -20.00 -3.34 8.93
CA VAL A 219 -18.62 -3.84 9.08
C VAL A 219 -17.66 -3.68 7.88
N MET A 220 -16.39 -3.36 8.18
CA MET A 220 -15.35 -3.16 7.15
C MET A 220 -14.54 -4.40 6.77
N VAL A 221 -15.08 -5.16 5.81
CA VAL A 221 -14.39 -6.37 5.31
C VAL A 221 -14.45 -6.37 3.79
N ASN A 222 -13.60 -7.18 3.15
CA ASN A 222 -13.55 -7.28 1.68
C ASN A 222 -13.42 -5.93 0.99
N ASN A 223 -12.56 -5.07 1.51
CA ASN A 223 -12.36 -3.75 0.91
C ASN A 223 -11.26 -3.75 -0.16
N TYR A 224 -11.25 -4.79 -1.01
CA TYR A 224 -10.26 -4.94 -2.10
C TYR A 224 -10.92 -4.88 -3.48
N ARG A 225 -10.13 -4.63 -4.52
CA ARG A 225 -10.68 -4.56 -5.87
C ARG A 225 -10.31 -5.79 -6.71
N PRO A 226 -11.23 -6.21 -7.57
CA PRO A 226 -11.04 -7.36 -8.44
C PRO A 226 -9.87 -7.21 -9.40
N LEU A 227 -9.28 -8.36 -9.74
CA LEU A 227 -8.13 -8.48 -10.64
C LEU A 227 -8.39 -7.88 -12.01
N GLN A 228 -7.36 -7.30 -12.62
CA GLN A 228 -7.47 -6.69 -13.95
C GLN A 228 -6.50 -7.36 -14.90
N PRO A 229 -6.83 -7.37 -16.20
CA PRO A 229 -5.96 -7.99 -17.20
C PRO A 229 -4.65 -7.22 -17.33
N LEU A 230 -3.57 -7.94 -17.62
CA LEU A 230 -2.25 -7.34 -17.78
C LEU A 230 -2.23 -6.47 -19.01
N ARG A 231 -2.97 -6.88 -20.03
CA ARG A 231 -3.02 -6.16 -21.29
C ARG A 231 -1.64 -6.21 -21.97
N ASP A 232 -1.26 -5.11 -22.60
CA ASP A 232 0.01 -5.03 -23.32
C ASP A 232 1.19 -4.47 -22.49
N ARG A 233 0.99 -4.34 -21.18
CA ARG A 233 1.99 -3.80 -20.28
C ARG A 233 3.14 -4.77 -19.97
N LYS A 234 4.30 -4.21 -19.66
CA LYS A 234 5.51 -4.97 -19.35
C LYS A 234 5.75 -5.19 -17.86
N LEU A 235 5.63 -6.43 -17.42
CA LEU A 235 5.84 -6.78 -16.01
C LEU A 235 7.30 -7.18 -15.75
N ARG A 236 8.09 -6.23 -15.24
CA ARG A 236 9.51 -6.44 -14.92
C ARG A 236 9.80 -7.10 -13.59
N SER A 237 10.94 -7.76 -13.52
CA SER A 237 11.40 -8.45 -12.32
C SER A 237 12.72 -7.80 -11.97
N SER A 238 12.92 -7.45 -10.71
CA SER A 238 14.17 -6.85 -10.30
C SER A 238 15.17 -7.96 -10.05
N PHE A 239 14.65 -9.18 -9.98
CA PHE A 239 15.43 -10.39 -9.70
C PHE A 239 15.36 -11.39 -10.85
N ARG A 240 16.42 -12.19 -10.99
CA ARG A 240 16.49 -13.20 -12.03
C ARG A 240 15.87 -14.50 -11.52
#